data_3SD3
#
_entry.id   3SD3
#
_cell.length_a   27.520
_cell.length_b   68.590
_cell.length_c   158.080
_cell.angle_alpha   90.000
_cell.angle_beta   90.000
_cell.angle_gamma   90.000
#
_symmetry.space_group_name_H-M   'P 21 21 21'
#
loop_
_entity.id
_entity.type
_entity.pdbx_description
1 polymer 'Tetrahydrofolate riboswitch'
2 non-polymer 'IRIDIUM HEXAMMINE ION'
3 non-polymer 'N-[4-({[(6S)-2-amino-5-formyl-4-oxo-3,4,5,6,7,8-hexahydropteridin-6-yl]methyl}amino)benzoyl]-L-glutamic acid'
4 water water
#
_entity_poly.entity_id   1
_entity_poly.type   'polyribonucleotide'
_entity_poly.pdbx_seq_one_letter_code
;GGAGAGUAGAUGAUUCGCGUUAAGCGUGUGUGAAUGGGAUGUCGUCACACAACGAAGCGAGAGCGCGGUGAAUCAUUGCA
UCCGCUCCA
;
_entity_poly.pdbx_strand_id   A
#
loop_
_chem_comp.id
_chem_comp.type
_chem_comp.name
_chem_comp.formula
A RNA linking ADENOSINE-5'-MONOPHOSPHATE 'C10 H14 N5 O7 P'
C RNA linking CYTIDINE-5'-MONOPHOSPHATE 'C9 H14 N3 O8 P'
FFO non-polymer 'N-[4-({[(6S)-2-amino-5-formyl-4-oxo-3,4,5,6,7,8-hexahydropteridin-6-yl]methyl}amino)benzoyl]-L-glutamic acid' 'C20 H23 N7 O7'
G RNA linking GUANOSINE-5'-MONOPHOSPHATE 'C10 H14 N5 O8 P'
IRI non-polymer 'IRIDIUM HEXAMMINE ION' 'H18 Ir N6 3'
U RNA linking URIDINE-5'-MONOPHOSPHATE 'C9 H13 N2 O9 P'
#
# COMPACT_ATOMS: atom_id res chain seq x y z
IR IRI B . 14.66 5.35 39.05
N1 IRI B . 15.40 6.14 41.30
N2 IRI B . 13.08 4.67 40.87
N3 IRI B . 15.21 7.59 38.06
N4 IRI B . 12.79 6.12 37.57
N5 IRI B . 14.55 3.06 38.05
N6 IRI B . 16.96 4.53 38.50
IR IRI C . -6.72 3.64 4.73
N1 IRI C . -4.81 2.31 3.82
N2 IRI C . -5.61 2.33 6.54
N3 IRI C . -5.99 5.66 3.45
N4 IRI C . -6.78 5.66 6.18
N5 IRI C . -8.97 2.94 5.57
N6 IRI C . -8.16 2.94 2.82
IR IRI D . -6.84 10.76 1.93
N1 IRI D . -5.28 9.19 0.77
N2 IRI D . -5.40 9.53 3.57
N3 IRI D . -6.32 12.60 0.33
N4 IRI D . -6.45 12.89 3.16
N5 IRI D . -8.85 10.30 3.34
N6 IRI D . -8.75 10.01 0.51
IR IRI E . -2.93 -12.72 -8.60
N1 IRI E . -2.70 -11.90 -6.25
N2 IRI E . -5.08 -13.00 -7.35
N3 IRI E . -1.77 -10.67 -9.45
N4 IRI E . -4.15 -11.76 -10.56
N5 IRI E . -3.11 -15.02 -9.54
N6 IRI E . -0.74 -13.90 -8.43
IR IRI F . 2.72 -13.31 -3.91
N1 IRI F . 2.33 -12.04 -1.80
N2 IRI F . 0.44 -13.79 -2.99
N3 IRI F . 3.66 -11.27 -5.01
N4 IRI F . 1.77 -13.03 -6.21
N5 IRI F . 3.10 -15.74 -4.35
N6 IRI F . 4.99 -13.99 -3.13
N1 FFO G . -3.33 1.98 -8.14
C2 FFO G . -3.74 0.70 -8.21
NA2 FFO G . -5.07 0.38 -7.78
N3 FFO G . -2.95 -0.26 -8.66
C4 FFO G . -1.70 0.01 -9.06
O4 FFO G . -0.91 -1.02 -9.52
C4A FFO G . -1.22 1.35 -8.98
N5 FFO G . 0.09 1.80 -9.40
C6 FFO G . 0.15 3.09 -10.09
C7 FFO G . -0.55 4.14 -9.30
N8 FFO G . -1.63 3.66 -8.45
C8A FFO G . -2.08 2.31 -8.52
C9 FFO G . -0.44 3.06 -11.52
N10 FFO G . 0.36 2.19 -12.38
C11 FFO G . 3.34 3.77 -14.97
C12 FFO G . 2.58 4.62 -14.20
C13 FFO G . 1.59 4.10 -13.34
C14 FFO G . 1.38 2.74 -13.27
C15 FFO G . 2.15 1.88 -14.04
C16 FFO G . 3.13 2.39 -14.89
C5A FFO G . 1.29 1.06 -9.19
O5B FFO G . 1.29 -0.01 -8.62
#